data_5CQJ
#
_entry.id   5CQJ
#
_cell.length_a   63.312
_cell.length_b   68.488
_cell.length_c   111.630
_cell.angle_alpha   90.000
_cell.angle_beta   90.000
_cell.angle_gamma   90.000
#
_symmetry.space_group_name_H-M   'P 21 21 21'
#
loop_
_entity.id
_entity.type
_entity.pdbx_description
1 polymer 'Ditrans,polycis-undecaprenyl-diphosphate synthase ((2E,6E)-farnesyl-diphosphate specific)'
2 non-polymer Clomifene
3 water water
#
_entity_poly.entity_id   1
_entity_poly.type   'polypeptide(L)'
_entity_poly.pdbx_seq_one_letter_code
;MMLSATQPLSEKLPAHGCRHVAIIMDGNGRWAKKQGKIRAFGHKAGAKSVRRAVSFAANNGIEALTLYAFSSENWNRPAQ
EVSALMELFVWALDSEVKSLHRHNVRLRIIGDTSRFNSRLQERIRKSEALTAGNTGLTLNIAANYGGRWDIVQGVRQLAE
KVQQGNLQPDQIDEEMLNQHVCMHELAPVDLVIRTGGEHRISNFLLWQIAYAELYFTDVLWPDFDEQDFEGALNAFANRE
RRFGGTEPGDETA
;
_entity_poly.pdbx_strand_id   A,B
#
# COMPACT_ATOMS: atom_id res chain seq x y z
N LEU A 13 -17.96 -15.55 -6.32
CA LEU A 13 -18.68 -16.51 -7.14
C LEU A 13 -17.96 -16.85 -8.47
N PRO A 14 -17.58 -15.84 -9.27
CA PRO A 14 -17.02 -16.22 -10.58
C PRO A 14 -15.69 -16.95 -10.46
N ALA A 15 -15.35 -17.77 -11.44
CA ALA A 15 -14.23 -18.71 -11.33
C ALA A 15 -12.90 -18.05 -11.05
N HIS A 16 -12.71 -16.83 -11.52
CA HIS A 16 -11.46 -16.12 -11.27
C HIS A 16 -11.39 -15.65 -9.81
N GLY A 17 -12.52 -15.69 -9.12
CA GLY A 17 -12.52 -15.41 -7.69
C GLY A 17 -12.25 -13.95 -7.34
N CYS A 18 -12.43 -13.07 -8.31
CA CYS A 18 -12.13 -11.66 -8.13
C CYS A 18 -13.40 -10.82 -7.98
N ARG A 19 -13.59 -10.19 -6.83
CA ARG A 19 -14.80 -9.40 -6.61
C ARG A 19 -14.57 -7.93 -6.91
N HIS A 20 -13.38 -7.43 -6.60
CA HIS A 20 -13.12 -6.00 -6.64
C HIS A 20 -11.74 -5.75 -7.25
N VAL A 21 -11.72 -5.02 -8.37
CA VAL A 21 -10.48 -4.70 -9.05
C VAL A 21 -10.25 -3.20 -9.06
N ALA A 22 -9.03 -2.80 -8.75
CA ALA A 22 -8.66 -1.40 -8.77
C ALA A 22 -7.58 -1.21 -9.81
N ILE A 23 -7.68 -0.14 -10.61
CA ILE A 23 -6.69 0.07 -11.67
C ILE A 23 -6.06 1.44 -11.62
N ILE A 24 -4.73 1.50 -11.55
CA ILE A 24 -4.02 2.74 -11.82
C ILE A 24 -3.79 2.79 -13.33
N MET A 25 -4.52 3.68 -14.00
CA MET A 25 -4.55 3.75 -15.48
C MET A 25 -3.47 4.65 -16.06
N ASP A 26 -2.24 4.16 -16.12
CA ASP A 26 -1.16 5.04 -16.52
C ASP A 26 -0.71 4.74 -17.96
N GLY A 27 -0.15 5.75 -18.63
CA GLY A 27 0.42 5.57 -19.96
C GLY A 27 -0.21 6.37 -21.10
N ASN A 28 -1.28 7.13 -20.82
CA ASN A 28 -1.96 7.88 -21.89
C ASN A 28 -1.02 8.85 -22.61
N GLY A 29 -0.18 9.51 -21.81
CA GLY A 29 0.77 10.48 -22.32
C GLY A 29 1.85 9.86 -23.18
N ARG A 30 2.46 8.79 -22.71
CA ARG A 30 3.47 8.08 -23.49
C ARG A 30 2.87 7.51 -24.78
N TRP A 31 1.65 6.98 -24.69
CA TRP A 31 0.93 6.44 -25.85
C TRP A 31 0.79 7.48 -26.95
N ALA A 32 0.33 8.66 -26.57
CA ALA A 32 0.15 9.78 -27.48
C ALA A 32 1.49 10.18 -28.10
N LYS A 33 2.50 10.28 -27.25
CA LYS A 33 3.83 10.69 -27.69
C LYS A 33 4.43 9.71 -28.70
N LYS A 34 4.17 8.42 -28.53
CA LYS A 34 4.68 7.39 -29.45
C LYS A 34 4.14 7.55 -30.86
N GLN A 35 2.97 8.16 -30.98
CA GLN A 35 2.35 8.32 -32.29
C GLN A 35 2.44 9.74 -32.83
N GLY A 36 3.28 10.56 -32.21
CA GLY A 36 3.44 11.94 -32.64
C GLY A 36 2.21 12.81 -32.39
N LYS A 37 1.38 12.40 -31.44
CA LYS A 37 0.20 13.19 -31.14
C LYS A 37 0.32 13.88 -29.79
N ILE A 38 -0.43 14.96 -29.61
CA ILE A 38 -0.40 15.66 -28.32
C ILE A 38 -1.17 14.86 -27.28
N ARG A 39 -1.00 15.24 -26.01
CA ARG A 39 -1.53 14.48 -24.87
C ARG A 39 -3.03 14.22 -24.98
N ALA A 40 -3.77 15.22 -25.44
CA ALA A 40 -5.23 15.13 -25.52
C ALA A 40 -5.69 13.92 -26.34
N PHE A 41 -4.89 13.52 -27.32
CA PHE A 41 -5.26 12.32 -28.08
C PHE A 41 -5.11 11.04 -27.24
N GLY A 42 -4.12 11.00 -26.37
CA GLY A 42 -3.96 9.87 -25.47
C GLY A 42 -5.11 9.80 -24.47
N HIS A 43 -5.57 10.95 -24.02
CA HIS A 43 -6.69 11.02 -23.10
C HIS A 43 -7.95 10.50 -23.76
N LYS A 44 -8.13 10.84 -25.03
CA LYS A 44 -9.26 10.33 -25.80
C LYS A 44 -9.17 8.81 -25.92
N ALA A 45 -7.99 8.30 -26.25
CA ALA A 45 -7.81 6.85 -26.37
C ALA A 45 -8.00 6.16 -25.03
N GLY A 46 -7.64 6.86 -23.96
CA GLY A 46 -7.74 6.35 -22.61
C GLY A 46 -9.17 6.22 -22.16
N ALA A 47 -9.99 7.19 -22.54
CA ALA A 47 -11.42 7.17 -22.22
C ALA A 47 -12.08 5.96 -22.86
N LYS A 48 -11.66 5.68 -24.09
CA LYS A 48 -12.13 4.53 -24.83
C LYS A 48 -11.75 3.28 -24.06
N SER A 49 -10.51 3.24 -23.57
CA SER A 49 -10.07 2.05 -22.84
C SER A 49 -10.82 1.92 -21.49
N VAL A 50 -11.25 3.04 -20.91
CA VAL A 50 -12.07 2.96 -19.69
C VAL A 50 -13.38 2.26 -20.01
N ARG A 51 -14.07 2.71 -21.05
CA ARG A 51 -15.35 2.13 -21.43
C ARG A 51 -15.24 0.63 -21.64
N ARG A 52 -14.17 0.23 -22.34
CA ARG A 52 -13.90 -1.16 -22.68
C ARG A 52 -13.66 -1.98 -21.39
N ALA A 53 -12.96 -1.40 -20.42
CA ALA A 53 -12.66 -2.10 -19.16
C ALA A 53 -13.88 -2.19 -18.22
N VAL A 54 -14.69 -1.14 -18.22
CA VAL A 54 -15.96 -1.14 -17.50
C VAL A 54 -16.87 -2.25 -18.04
N SER A 55 -16.97 -2.33 -19.37
CA SER A 55 -17.75 -3.38 -20.04
C SER A 55 -17.19 -4.76 -19.73
N PHE A 56 -15.88 -4.91 -19.80
CA PHE A 56 -15.28 -6.20 -19.51
C PHE A 56 -15.62 -6.62 -18.07
N ALA A 57 -15.44 -5.71 -17.13
CA ALA A 57 -15.67 -6.03 -15.74
C ALA A 57 -17.12 -6.41 -15.48
N ALA A 58 -18.05 -5.66 -16.08
CA ALA A 58 -19.47 -5.95 -15.89
C ALA A 58 -19.84 -7.30 -16.47
N ASN A 59 -19.21 -7.67 -17.57
CA ASN A 59 -19.52 -8.91 -18.24
C ASN A 59 -18.75 -10.09 -17.66
N ASN A 60 -17.93 -9.84 -16.63
CA ASN A 60 -17.17 -10.93 -16.05
C ASN A 60 -17.37 -11.09 -14.55
N GLY A 61 -18.54 -10.69 -14.07
CA GLY A 61 -18.97 -10.94 -12.71
C GLY A 61 -18.27 -10.14 -11.62
N ILE A 62 -17.50 -9.13 -12.02
CA ILE A 62 -16.80 -8.32 -11.05
C ILE A 62 -17.82 -7.41 -10.40
N GLU A 63 -17.79 -7.35 -9.06
CA GLU A 63 -18.73 -6.55 -8.28
C GLU A 63 -18.39 -5.07 -8.29
N ALA A 64 -17.11 -4.76 -8.27
CA ALA A 64 -16.66 -3.38 -8.17
C ALA A 64 -15.37 -3.19 -8.95
N LEU A 65 -15.32 -2.07 -9.67
CA LEU A 65 -14.12 -1.62 -10.37
C LEU A 65 -13.81 -0.22 -9.89
N THR A 66 -12.56 0.03 -9.53
CA THR A 66 -12.18 1.31 -8.97
C THR A 66 -11.03 1.86 -9.80
N LEU A 67 -11.23 3.06 -10.34
CA LEU A 67 -10.29 3.63 -11.30
C LEU A 67 -9.66 4.89 -10.77
N TYR A 68 -8.34 4.94 -10.89
CA TYR A 68 -7.49 6.06 -10.54
C TYR A 68 -6.94 6.74 -11.77
N ALA A 69 -7.45 7.91 -12.09
CA ALA A 69 -6.93 8.71 -13.19
C ALA A 69 -5.53 9.26 -12.88
N PHE A 70 -4.50 8.57 -13.37
CA PHE A 70 -3.13 9.04 -13.19
C PHE A 70 -2.66 9.82 -14.42
N GLU A 87 -10.27 19.01 -14.23
CA GLU A 87 -11.16 19.88 -14.97
C GLU A 87 -11.64 19.19 -16.25
N LEU A 88 -10.90 18.19 -16.71
CA LEU A 88 -11.29 17.38 -17.85
C LEU A 88 -12.31 16.32 -17.42
N PHE A 89 -12.33 16.07 -16.12
CA PHE A 89 -13.25 15.15 -15.47
C PHE A 89 -14.69 15.60 -15.65
N VAL A 90 -14.85 16.91 -15.82
CA VAL A 90 -16.13 17.54 -16.05
C VAL A 90 -16.84 16.97 -17.29
N TRP A 91 -16.13 17.01 -18.41
CA TRP A 91 -16.67 16.54 -19.69
C TRP A 91 -17.11 15.09 -19.60
N ALA A 92 -16.24 14.27 -19.02
CA ALA A 92 -16.47 12.85 -18.85
C ALA A 92 -17.78 12.59 -18.12
N LEU A 93 -17.88 13.16 -16.93
CA LEU A 93 -19.04 13.02 -16.09
C LEU A 93 -20.33 13.27 -16.85
N ASP A 94 -20.29 14.25 -17.74
CA ASP A 94 -21.45 14.60 -18.54
C ASP A 94 -21.91 13.45 -19.45
N SER A 95 -21.07 13.13 -20.43
CA SER A 95 -21.43 12.20 -21.52
C SER A 95 -21.52 10.73 -21.11
N GLU A 96 -20.64 10.31 -20.21
CA GLU A 96 -20.50 8.90 -19.89
C GLU A 96 -21.62 8.36 -18.99
N VAL A 97 -22.19 9.25 -18.17
CA VAL A 97 -23.13 8.82 -17.13
C VAL A 97 -24.36 8.13 -17.68
N LYS A 98 -24.88 8.64 -18.79
CA LYS A 98 -26.08 8.05 -19.35
C LYS A 98 -25.77 6.64 -19.89
N SER A 99 -24.61 6.50 -20.52
CA SER A 99 -24.16 5.20 -20.99
C SER A 99 -23.99 4.23 -19.84
N LEU A 100 -23.37 4.70 -18.76
CA LEU A 100 -23.22 3.89 -17.54
C LEU A 100 -24.56 3.42 -16.99
N HIS A 101 -25.51 4.35 -16.90
CA HIS A 101 -26.82 4.07 -16.34
C HIS A 101 -27.58 3.04 -17.16
N ARG A 102 -27.40 3.11 -18.47
CA ARG A 102 -28.04 2.16 -19.37
C ARG A 102 -27.35 0.80 -19.37
N HIS A 103 -26.13 0.73 -18.85
CA HIS A 103 -25.49 -0.56 -18.59
C HIS A 103 -25.66 -1.05 -17.14
N ASN A 104 -26.61 -0.44 -16.43
CA ASN A 104 -26.94 -0.85 -15.06
C ASN A 104 -25.71 -0.73 -14.14
N VAL A 105 -24.85 0.25 -14.42
CA VAL A 105 -23.69 0.50 -13.59
C VAL A 105 -24.03 1.50 -12.50
N ARG A 106 -23.56 1.24 -11.27
CA ARG A 106 -23.71 2.20 -10.18
C ARG A 106 -22.45 3.05 -10.02
N LEU A 107 -22.57 4.34 -10.26
CA LEU A 107 -21.42 5.26 -10.26
C LEU A 107 -21.19 5.89 -8.91
N ARG A 108 -19.95 5.85 -8.42
CA ARG A 108 -19.59 6.57 -7.18
C ARG A 108 -18.27 7.33 -7.37
N ILE A 109 -18.22 8.55 -6.89
CA ILE A 109 -16.96 9.30 -6.91
C ILE A 109 -16.31 9.29 -5.54
N ILE A 110 -15.10 8.76 -5.45
CA ILE A 110 -14.36 8.82 -4.18
C ILE A 110 -13.25 9.85 -4.30
N GLY A 111 -13.03 10.61 -3.25
CA GLY A 111 -11.96 11.60 -3.22
C GLY A 111 -12.46 12.89 -2.62
N ASP A 112 -11.59 13.91 -2.54
CA ASP A 112 -11.93 15.19 -1.88
C ASP A 112 -12.70 16.11 -2.81
N THR A 113 -14.03 16.00 -2.79
CA THR A 113 -14.88 16.74 -3.73
C THR A 113 -15.36 18.06 -3.19
N SER A 114 -14.99 18.36 -1.95
CA SER A 114 -15.37 19.62 -1.31
C SER A 114 -14.73 20.80 -2.03
N ARG A 115 -13.56 20.58 -2.60
CA ARG A 115 -12.81 21.63 -3.29
C ARG A 115 -13.52 22.10 -4.56
N PHE A 116 -14.32 21.22 -5.16
CA PHE A 116 -14.94 21.47 -6.45
C PHE A 116 -16.00 22.55 -6.37
N ASN A 117 -16.16 23.31 -7.45
CA ASN A 117 -17.20 24.33 -7.52
C ASN A 117 -18.57 23.69 -7.35
N SER A 118 -19.50 24.44 -6.77
CA SER A 118 -20.80 23.91 -6.35
C SER A 118 -21.62 23.31 -7.48
N ARG A 119 -21.19 23.54 -8.73
CA ARG A 119 -21.94 23.08 -9.89
C ARG A 119 -21.38 21.78 -10.47
N LEU A 120 -20.07 21.59 -10.38
CA LEU A 120 -19.47 20.30 -10.68
C LEU A 120 -19.89 19.32 -9.60
N GLN A 121 -19.84 19.77 -8.35
CA GLN A 121 -20.33 19.00 -7.22
C GLN A 121 -21.76 18.54 -7.47
N GLU A 122 -22.55 19.40 -8.09
CA GLU A 122 -23.95 19.11 -8.34
C GLU A 122 -24.09 17.98 -9.35
N ARG A 123 -23.34 18.06 -10.44
CA ARG A 123 -23.36 17.02 -11.47
C ARG A 123 -22.93 15.66 -10.89
N ILE A 124 -21.98 15.69 -9.97
CA ILE A 124 -21.56 14.48 -9.25
C ILE A 124 -22.72 13.89 -8.44
N ARG A 125 -23.37 14.73 -7.64
CA ARG A 125 -24.57 14.35 -6.88
C ARG A 125 -25.64 13.67 -7.75
N LYS A 126 -26.04 14.34 -8.81
CA LYS A 126 -27.08 13.84 -9.72
C LYS A 126 -26.69 12.52 -10.36
N SER A 127 -25.42 12.41 -10.75
CA SER A 127 -24.91 11.20 -11.40
C SER A 127 -24.96 10.02 -10.45
N GLU A 128 -24.62 10.27 -9.19
CA GLU A 128 -24.69 9.22 -8.19
C GLU A 128 -26.12 8.79 -7.91
N ALA A 129 -26.99 9.77 -7.70
CA ALA A 129 -28.38 9.49 -7.36
C ALA A 129 -29.07 8.73 -8.48
N LEU A 130 -28.84 9.15 -9.71
CA LEU A 130 -29.47 8.51 -10.87
C LEU A 130 -29.17 7.02 -10.97
N THR A 131 -27.97 6.62 -10.54
CA THR A 131 -27.51 5.26 -10.77
C THR A 131 -27.43 4.47 -9.47
N ALA A 132 -27.86 5.07 -8.37
CA ALA A 132 -27.72 4.46 -7.05
C ALA A 132 -28.48 3.14 -6.92
N GLY A 133 -29.62 3.05 -7.62
CA GLY A 133 -30.44 1.84 -7.59
C GLY A 133 -29.95 0.71 -8.49
N ASN A 134 -28.91 0.98 -9.28
CA ASN A 134 -28.42 -0.01 -10.24
C ASN A 134 -27.74 -1.21 -9.59
N THR A 135 -27.94 -2.37 -10.18
CA THR A 135 -27.58 -3.64 -9.56
C THR A 135 -26.41 -4.34 -10.24
N GLY A 136 -25.84 -3.69 -11.25
CA GLY A 136 -24.71 -4.26 -11.96
C GLY A 136 -23.44 -3.80 -11.30
N LEU A 137 -22.41 -3.57 -12.11
CA LEU A 137 -21.10 -3.15 -11.63
C LEU A 137 -21.18 -1.90 -10.79
N THR A 138 -20.44 -1.87 -9.67
CA THR A 138 -20.22 -0.60 -8.99
C THR A 138 -18.90 -0.02 -9.45
N LEU A 139 -18.99 1.14 -10.09
CA LEU A 139 -17.81 1.77 -10.64
C LEU A 139 -17.43 2.94 -9.76
N ASN A 140 -16.25 2.87 -9.16
CA ASN A 140 -15.76 3.94 -8.30
C ASN A 140 -14.72 4.71 -9.05
N ILE A 141 -14.98 6.00 -9.22
CA ILE A 141 -14.04 6.85 -9.93
C ILE A 141 -13.33 7.76 -8.93
N ALA A 142 -12.01 7.58 -8.77
CA ALA A 142 -11.22 8.38 -7.84
C ALA A 142 -10.85 9.74 -8.42
N ALA A 143 -11.42 10.79 -7.85
CA ALA A 143 -11.22 12.16 -8.32
C ALA A 143 -10.72 13.02 -7.17
N ASN A 144 -9.56 13.63 -7.35
CA ASN A 144 -8.89 14.35 -6.28
C ASN A 144 -8.74 13.45 -5.07
N TYR A 145 -8.39 12.20 -5.34
CA TYR A 145 -8.24 11.17 -4.32
C TYR A 145 -6.77 10.95 -3.91
N GLY A 146 -6.56 10.63 -2.64
CA GLY A 146 -5.25 10.17 -2.18
C GLY A 146 -5.44 9.14 -1.08
N GLY A 147 -4.59 8.11 -1.05
CA GLY A 147 -4.69 7.07 -0.03
C GLY A 147 -4.57 7.59 1.40
N ARG A 148 -3.62 8.49 1.62
CA ARG A 148 -3.37 9.07 2.93
C ARG A 148 -4.51 9.99 3.35
N TRP A 149 -4.98 10.79 2.40
CA TRP A 149 -6.16 11.63 2.61
C TRP A 149 -7.38 10.81 3.04
N ASP A 150 -7.61 9.71 2.31
CA ASP A 150 -8.68 8.77 2.60
C ASP A 150 -8.60 8.35 4.09
N ILE A 151 -7.43 7.88 4.50
CA ILE A 151 -7.20 7.53 5.90
C ILE A 151 -7.47 8.73 6.82
N VAL A 152 -7.00 9.91 6.43
CA VAL A 152 -7.13 11.08 7.30
C VAL A 152 -8.58 11.55 7.49
N GLN A 153 -9.40 11.47 6.45
CA GLN A 153 -10.80 11.87 6.63
C GLN A 153 -11.53 10.88 7.54
N GLY A 154 -11.17 9.61 7.46
CA GLY A 154 -11.74 8.62 8.36
C GLY A 154 -11.35 8.91 9.82
N VAL A 155 -10.11 9.35 10.02
CA VAL A 155 -9.62 9.66 11.35
C VAL A 155 -10.32 10.90 11.90
N ARG A 156 -10.59 11.88 11.05
CA ARG A 156 -11.34 13.07 11.45
C ARG A 156 -12.76 12.72 11.90
N GLN A 157 -13.39 11.79 11.18
CA GLN A 157 -14.73 11.34 11.58
C GLN A 157 -14.70 10.75 12.98
N LEU A 158 -13.64 9.98 13.27
CA LEU A 158 -13.49 9.36 14.59
C LEU A 158 -13.15 10.43 15.65
N ALA A 159 -12.28 11.36 15.28
CA ALA A 159 -11.97 12.50 16.16
C ALA A 159 -13.23 13.33 16.49
N GLU A 160 -14.11 13.50 15.49
CA GLU A 160 -15.38 14.20 15.73
C GLU A 160 -16.15 13.51 16.84
N LYS A 161 -16.36 12.21 16.67
CA LYS A 161 -17.11 11.42 17.64
C LYS A 161 -16.42 11.42 19.01
N VAL A 162 -15.09 11.45 19.03
CA VAL A 162 -14.41 11.54 20.31
C VAL A 162 -14.76 12.84 21.00
N GLN A 163 -14.69 13.95 20.26
CA GLN A 163 -14.93 15.28 20.83
C GLN A 163 -16.35 15.42 21.34
N GLN A 164 -17.31 14.85 20.63
CA GLN A 164 -18.70 14.79 21.08
C GLN A 164 -18.90 13.98 22.37
N GLY A 165 -17.92 13.15 22.74
CA GLY A 165 -18.04 12.34 23.94
C GLY A 165 -18.56 10.94 23.68
N ASN A 166 -19.00 10.70 22.45
CA ASN A 166 -19.52 9.41 22.02
C ASN A 166 -18.49 8.28 22.01
N LEU A 167 -17.27 8.61 21.61
CA LEU A 167 -16.24 7.62 21.36
C LEU A 167 -15.03 7.73 22.31
N GLN A 168 -14.61 6.60 22.85
CA GLN A 168 -13.40 6.55 23.67
C GLN A 168 -12.18 6.19 22.82
N PRO A 169 -11.11 6.99 22.94
CA PRO A 169 -9.83 6.78 22.27
C PRO A 169 -9.41 5.32 22.16
N ASP A 170 -9.52 4.59 23.26
CA ASP A 170 -9.01 3.24 23.31
C ASP A 170 -10.01 2.22 22.74
N GLN A 171 -11.19 2.70 22.34
CA GLN A 171 -12.12 1.83 21.62
C GLN A 171 -11.80 1.78 20.14
N ILE A 172 -10.93 2.69 19.68
CA ILE A 172 -10.54 2.73 18.26
C ILE A 172 -9.61 1.59 17.91
N ASP A 173 -10.08 0.70 17.04
CA ASP A 173 -9.23 -0.38 16.54
C ASP A 173 -9.28 -0.40 15.02
N GLU A 174 -8.68 -1.41 14.41
CA GLU A 174 -8.59 -1.48 12.96
C GLU A 174 -9.97 -1.56 12.31
N GLU A 175 -10.82 -2.38 12.89
CA GLU A 175 -12.11 -2.65 12.31
C GLU A 175 -12.92 -1.38 12.28
N MET A 176 -12.72 -0.54 13.29
CA MET A 176 -13.51 0.68 13.37
C MET A 176 -12.98 1.67 12.34
N LEU A 177 -11.66 1.83 12.26
CA LEU A 177 -11.09 2.73 11.27
C LEU A 177 -11.49 2.22 9.89
N ASN A 178 -11.48 0.91 9.70
CA ASN A 178 -11.87 0.32 8.43
C ASN A 178 -13.26 0.78 7.98
N GLN A 179 -14.18 0.92 8.94
CA GLN A 179 -15.55 1.30 8.63
C GLN A 179 -15.69 2.76 8.28
N HIS A 180 -14.59 3.51 8.32
CA HIS A 180 -14.67 4.93 8.02
C HIS A 180 -13.80 5.36 6.83
N VAL A 181 -13.24 4.40 6.12
CA VAL A 181 -12.44 4.73 4.94
C VAL A 181 -13.27 4.41 3.70
N CYS A 182 -12.86 4.94 2.54
CA CYS A 182 -13.66 4.81 1.33
C CYS A 182 -13.89 3.36 0.97
N MET A 183 -15.11 3.09 0.49
CA MET A 183 -15.49 1.80 -0.06
C MET A 183 -15.52 0.66 0.97
N HIS A 184 -15.58 0.99 2.26
CA HIS A 184 -15.67 -0.06 3.30
C HIS A 184 -16.89 -0.97 3.13
N GLU A 185 -17.96 -0.45 2.54
CA GLU A 185 -19.20 -1.23 2.33
C GLU A 185 -19.13 -2.18 1.13
N LEU A 186 -18.08 -2.09 0.32
CA LEU A 186 -17.92 -3.00 -0.81
C LEU A 186 -16.96 -4.12 -0.45
N ALA A 187 -16.92 -5.18 -1.25
CA ALA A 187 -15.89 -6.20 -1.11
C ALA A 187 -14.50 -5.59 -1.07
N PRO A 188 -13.60 -6.16 -0.27
CA PRO A 188 -12.20 -5.73 -0.25
C PRO A 188 -11.60 -5.76 -1.65
N VAL A 189 -10.62 -4.90 -1.93
CA VAL A 189 -9.93 -4.95 -3.19
C VAL A 189 -9.11 -6.23 -3.28
N ASP A 190 -9.37 -7.05 -4.29
CA ASP A 190 -8.66 -8.32 -4.51
C ASP A 190 -7.41 -8.11 -5.32
N LEU A 191 -7.49 -7.15 -6.24
CA LEU A 191 -6.48 -7.05 -7.28
C LEU A 191 -6.26 -5.59 -7.61
N VAL A 192 -5.00 -5.17 -7.61
CA VAL A 192 -4.65 -3.85 -8.11
C VAL A 192 -3.86 -4.05 -9.38
N ILE A 193 -4.28 -3.38 -10.45
CA ILE A 193 -3.56 -3.42 -11.71
C ILE A 193 -2.95 -2.06 -11.97
N ARG A 194 -1.67 -2.01 -12.30
CA ARG A 194 -1.13 -0.73 -12.77
C ARG A 194 -0.49 -0.90 -14.15
N THR A 195 -1.02 -0.15 -15.12
CA THR A 195 -0.51 -0.17 -16.48
C THR A 195 0.59 0.89 -16.61
N GLY A 196 1.36 0.84 -17.68
CA GLY A 196 2.27 1.92 -18.00
C GLY A 196 3.70 1.75 -17.52
N GLY A 197 4.00 0.65 -16.83
CA GLY A 197 5.38 0.33 -16.53
C GLY A 197 5.91 0.64 -15.14
N GLU A 198 5.30 1.60 -14.43
CA GLU A 198 5.81 1.94 -13.10
C GLU A 198 5.38 0.92 -12.05
N HIS A 199 6.22 0.71 -11.04
CA HIS A 199 5.93 -0.24 -9.98
C HIS A 199 5.71 0.44 -8.64
N ARG A 200 4.73 1.32 -8.55
CA ARG A 200 4.43 1.96 -7.27
C ARG A 200 2.92 2.24 -7.14
N ILE A 201 2.48 2.56 -5.93
CA ILE A 201 1.06 2.82 -5.68
C ILE A 201 0.70 4.29 -5.92
N SER A 202 1.69 5.18 -5.77
CA SER A 202 1.50 6.61 -5.95
C SER A 202 0.33 7.16 -5.14
N ASN A 203 0.23 6.73 -3.88
CA ASN A 203 -0.78 7.29 -2.96
C ASN A 203 -2.21 7.09 -3.50
N PHE A 204 -2.38 6.04 -4.28
CA PHE A 204 -3.71 5.51 -4.59
C PHE A 204 -4.16 4.80 -3.31
N LEU A 205 -4.97 3.74 -3.39
CA LEU A 205 -5.47 3.07 -2.19
C LEU A 205 -4.31 2.60 -1.32
N LEU A 206 -4.41 2.79 -0.02
CA LEU A 206 -3.34 2.34 0.88
C LEU A 206 -3.86 1.40 1.93
N TRP A 207 -4.76 1.90 2.78
CA TRP A 207 -5.40 1.07 3.78
C TRP A 207 -6.00 -0.16 3.13
N GLN A 208 -6.72 0.08 2.03
CA GLN A 208 -7.51 -0.95 1.36
C GLN A 208 -6.70 -2.01 0.62
N ILE A 209 -5.41 -1.78 0.39
CA ILE A 209 -4.66 -2.78 -0.38
C ILE A 209 -3.75 -3.67 0.46
N ALA A 210 -3.91 -3.63 1.77
CA ALA A 210 -3.16 -4.51 2.69
C ALA A 210 -2.98 -5.95 2.19
N TYR A 211 -4.03 -6.50 1.58
CA TYR A 211 -4.03 -7.91 1.22
C TYR A 211 -4.25 -8.16 -0.26
N ALA A 212 -4.27 -7.10 -1.06
CA ALA A 212 -4.57 -7.21 -2.48
C ALA A 212 -3.41 -7.79 -3.27
N GLU A 213 -3.74 -8.55 -4.31
CA GLU A 213 -2.75 -8.90 -5.30
C GLU A 213 -2.34 -7.65 -6.08
N LEU A 214 -1.05 -7.44 -6.26
CA LEU A 214 -0.58 -6.27 -6.99
C LEU A 214 -0.05 -6.75 -8.36
N TYR A 215 -0.59 -6.19 -9.43
CA TYR A 215 -0.24 -6.66 -10.77
C TYR A 215 0.22 -5.49 -11.64
N PHE A 216 1.45 -5.55 -12.11
CA PHE A 216 2.04 -4.48 -12.91
C PHE A 216 2.25 -4.99 -14.31
N THR A 217 1.75 -4.25 -15.29
CA THR A 217 2.04 -4.53 -16.70
C THR A 217 2.60 -3.28 -17.38
N ASP A 218 3.50 -3.50 -18.34
CA ASP A 218 4.10 -2.43 -19.13
C ASP A 218 3.15 -1.82 -20.18
N VAL A 219 2.10 -2.55 -20.54
CA VAL A 219 1.10 -2.05 -21.48
C VAL A 219 0.60 -0.66 -21.11
N LEU A 220 0.58 0.26 -22.09
CA LEU A 220 0.07 1.61 -21.87
C LEU A 220 -1.45 1.57 -21.77
N TRP A 221 -2.03 2.37 -20.87
CA TRP A 221 -3.48 2.28 -20.62
C TRP A 221 -4.37 2.28 -21.89
N PRO A 222 -4.09 3.14 -22.88
CA PRO A 222 -4.98 3.07 -24.06
C PRO A 222 -4.95 1.72 -24.82
N ASP A 223 -3.88 0.95 -24.67
CA ASP A 223 -3.75 -0.33 -25.37
C ASP A 223 -4.27 -1.48 -24.52
N PHE A 224 -4.54 -1.19 -23.26
CA PHE A 224 -4.96 -2.22 -22.31
C PHE A 224 -6.39 -2.67 -22.65
N ASP A 225 -6.54 -3.93 -23.08
CA ASP A 225 -7.82 -4.39 -23.56
C ASP A 225 -8.34 -5.63 -22.81
N GLU A 226 -9.33 -6.32 -23.37
CA GLU A 226 -9.97 -7.43 -22.70
C GLU A 226 -9.00 -8.56 -22.41
N GLN A 227 -8.11 -8.87 -23.34
CA GLN A 227 -7.16 -9.95 -23.11
C GLN A 227 -6.15 -9.56 -22.02
N ASP A 228 -5.69 -8.32 -22.03
CA ASP A 228 -4.87 -7.85 -20.91
C ASP A 228 -5.61 -7.99 -19.58
N PHE A 229 -6.89 -7.63 -19.56
CA PHE A 229 -7.66 -7.65 -18.32
C PHE A 229 -7.86 -9.11 -17.89
N GLU A 230 -8.25 -9.93 -18.87
CA GLU A 230 -8.38 -11.37 -18.66
C GLU A 230 -7.07 -11.96 -18.13
N GLY A 231 -5.94 -11.54 -18.70
CA GLY A 231 -4.63 -11.98 -18.25
C GLY A 231 -4.36 -11.68 -16.78
N ALA A 232 -4.75 -10.49 -16.34
CA ALA A 232 -4.54 -10.09 -14.95
C ALA A 232 -5.42 -10.89 -14.00
N LEU A 233 -6.69 -11.10 -14.36
CA LEU A 233 -7.62 -11.94 -13.60
C LEU A 233 -7.13 -13.39 -13.50
N ASN A 234 -6.60 -13.91 -14.59
CA ASN A 234 -6.13 -15.29 -14.56
C ASN A 234 -4.91 -15.40 -13.68
N ALA A 235 -4.05 -14.39 -13.75
CA ALA A 235 -2.90 -14.35 -12.87
C ALA A 235 -3.35 -14.31 -11.41
N PHE A 236 -4.41 -13.56 -11.11
CA PHE A 236 -4.91 -13.51 -9.75
C PHE A 236 -5.45 -14.89 -9.32
N ALA A 237 -6.18 -15.55 -10.22
CA ALA A 237 -6.76 -16.85 -9.91
C ALA A 237 -5.66 -17.88 -9.64
N ASN A 238 -4.62 -17.86 -10.47
CA ASN A 238 -3.54 -18.83 -10.36
C ASN A 238 -2.59 -18.59 -9.18
N ARG A 239 -2.56 -17.37 -8.68
CA ARG A 239 -1.63 -17.02 -7.63
C ARG A 239 -2.33 -16.94 -6.27
N GLU A 240 -3.45 -17.63 -6.15
CA GLU A 240 -4.26 -17.60 -4.94
C GLU A 240 -4.23 -18.92 -4.18
N GLY B 17 20.09 6.33 -5.58
CA GLY B 17 19.77 7.35 -4.60
C GLY B 17 18.81 6.77 -3.58
N CYS B 18 19.03 5.50 -3.25
CA CYS B 18 18.15 4.75 -2.36
C CYS B 18 18.47 4.91 -0.87
N ARG B 19 17.57 5.51 -0.12
CA ARG B 19 17.89 5.85 1.28
C ARG B 19 17.32 4.87 2.32
N HIS B 20 16.18 4.28 2.01
CA HIS B 20 15.46 3.43 2.97
C HIS B 20 14.85 2.26 2.22
N VAL B 21 15.38 1.07 2.45
CA VAL B 21 14.84 -0.14 1.88
C VAL B 21 14.06 -0.91 2.92
N ALA B 22 12.87 -1.38 2.56
CA ALA B 22 12.12 -2.33 3.39
C ALA B 22 12.03 -3.66 2.66
N ILE B 23 12.13 -4.76 3.41
CA ILE B 23 12.12 -6.09 2.79
C ILE B 23 11.17 -6.98 3.53
N ILE B 24 10.25 -7.61 2.78
CA ILE B 24 9.46 -8.73 3.25
C ILE B 24 10.22 -10.02 2.93
N MET B 25 10.73 -10.68 3.97
CA MET B 25 11.63 -11.81 3.83
C MET B 25 10.86 -13.13 3.79
N ASP B 26 10.37 -13.49 2.61
CA ASP B 26 9.53 -14.67 2.46
C ASP B 26 10.30 -15.78 1.75
N GLY B 27 10.02 -17.02 2.10
CA GLY B 27 10.60 -18.15 1.39
C GLY B 27 11.42 -19.10 2.24
N ASN B 28 11.55 -18.81 3.53
CA ASN B 28 12.39 -19.63 4.38
C ASN B 28 11.87 -21.08 4.40
N GLY B 29 10.55 -21.22 4.48
CA GLY B 29 9.93 -22.53 4.56
C GLY B 29 10.03 -23.36 3.28
N ARG B 30 9.76 -22.75 2.14
CA ARG B 30 9.87 -23.48 0.87
C ARG B 30 11.32 -23.83 0.60
N TRP B 31 12.23 -22.98 1.06
CA TRP B 31 13.65 -23.21 0.87
C TRP B 31 14.08 -24.48 1.61
N ALA B 32 13.61 -24.62 2.85
CA ALA B 32 13.90 -25.80 3.65
C ALA B 32 13.40 -27.06 2.97
N LYS B 33 12.16 -26.99 2.50
CA LYS B 33 11.51 -28.13 1.89
C LYS B 33 12.20 -28.52 0.57
N LYS B 34 12.68 -27.54 -0.19
CA LYS B 34 13.40 -27.83 -1.43
C LYS B 34 14.72 -28.53 -1.11
N GLN B 35 15.33 -28.16 0.01
CA GLN B 35 16.57 -28.76 0.48
C GLN B 35 16.40 -30.14 1.12
N GLY B 36 15.15 -30.56 1.33
CA GLY B 36 14.86 -31.83 1.99
C GLY B 36 15.16 -31.79 3.48
N LYS B 37 14.97 -30.62 4.09
CA LYS B 37 15.30 -30.42 5.50
C LYS B 37 14.10 -29.85 6.28
N ILE B 38 14.18 -29.88 7.62
CA ILE B 38 13.11 -29.40 8.48
C ILE B 38 13.02 -27.86 8.47
N ARG B 39 11.87 -27.34 8.92
CA ARG B 39 11.61 -25.91 8.84
C ARG B 39 12.69 -25.05 9.52
N ALA B 40 13.17 -25.50 10.67
CA ALA B 40 14.19 -24.78 11.44
C ALA B 40 15.46 -24.50 10.63
N PHE B 41 15.84 -25.45 9.77
CA PHE B 41 17.01 -25.31 8.91
C PHE B 41 16.83 -24.11 7.96
N GLY B 42 15.60 -23.89 7.51
CA GLY B 42 15.30 -22.76 6.67
C GLY B 42 15.49 -21.46 7.41
N HIS B 43 15.20 -21.48 8.70
CA HIS B 43 15.38 -20.28 9.51
C HIS B 43 16.87 -19.98 9.73
N LYS B 44 17.65 -21.02 10.02
CA LYS B 44 19.09 -20.89 10.17
C LYS B 44 19.69 -20.20 8.93
N ALA B 45 19.25 -20.62 7.75
CA ALA B 45 19.75 -20.02 6.51
C ALA B 45 19.18 -18.62 6.29
N GLY B 46 17.98 -18.37 6.83
CA GLY B 46 17.37 -17.06 6.75
C GLY B 46 18.14 -16.03 7.54
N ALA B 47 18.62 -16.42 8.72
CA ALA B 47 19.36 -15.50 9.59
C ALA B 47 20.66 -15.11 8.92
N LYS B 48 21.24 -16.05 8.18
CA LYS B 48 22.47 -15.77 7.48
C LYS B 48 22.18 -14.69 6.44
N SER B 49 21.11 -14.88 5.69
CA SER B 49 20.73 -13.96 4.63
C SER B 49 20.39 -12.55 5.19
N VAL B 50 19.83 -12.51 6.40
CA VAL B 50 19.65 -11.25 7.11
C VAL B 50 21.02 -10.59 7.36
N ARG B 51 21.96 -11.32 7.95
CA ARG B 51 23.27 -10.73 8.26
C ARG B 51 23.91 -10.14 7.01
N ARG B 52 23.81 -10.89 5.93
CA ARG B 52 24.42 -10.51 4.67
C ARG B 52 23.70 -9.29 4.08
N ALA B 53 22.38 -9.18 4.27
CA ALA B 53 21.66 -8.03 3.70
C ALA B 53 21.91 -6.78 4.53
N VAL B 54 22.02 -6.97 5.84
CA VAL B 54 22.34 -5.87 6.74
C VAL B 54 23.74 -5.31 6.43
N SER B 55 24.71 -6.19 6.22
CA SER B 55 26.07 -5.74 5.86
C SER B 55 26.05 -5.02 4.53
N PHE B 56 25.34 -5.58 3.56
CA PHE B 56 25.28 -4.96 2.24
C PHE B 56 24.72 -3.54 2.33
N ALA B 57 23.62 -3.35 3.03
CA ALA B 57 23.04 -2.03 3.19
C ALA B 57 23.98 -1.02 3.87
N ALA B 58 24.67 -1.43 4.93
CA ALA B 58 25.54 -0.49 5.63
C ALA B 58 26.74 -0.14 4.77
N ASN B 59 27.29 -1.16 4.09
CA ASN B 59 28.40 -0.97 3.17
C ASN B 59 28.10 -0.11 1.95
N ASN B 60 26.83 0.12 1.66
CA ASN B 60 26.47 0.82 0.44
C ASN B 60 25.72 2.13 0.68
N GLY B 61 25.88 2.66 1.88
CA GLY B 61 25.37 3.98 2.22
C GLY B 61 23.88 4.08 2.42
N ILE B 62 23.20 2.94 2.47
CA ILE B 62 21.77 2.97 2.73
C ILE B 62 21.54 3.42 4.17
N GLU B 63 20.61 4.36 4.37
CA GLU B 63 20.39 4.97 5.68
C GLU B 63 19.59 4.10 6.63
N ALA B 64 18.55 3.46 6.10
CA ALA B 64 17.71 2.61 6.93
C ALA B 64 17.31 1.35 6.20
N LEU B 65 17.27 0.26 6.95
CA LEU B 65 16.88 -1.04 6.44
C LEU B 65 15.79 -1.59 7.34
N THR B 66 14.59 -1.81 6.79
CA THR B 66 13.47 -2.26 7.60
C THR B 66 13.03 -3.66 7.19
N LEU B 67 13.12 -4.61 8.12
CA LEU B 67 12.96 -6.05 7.85
C LEU B 67 11.71 -6.65 8.51
N TYR B 68 10.98 -7.43 7.74
CA TYR B 68 9.73 -8.05 8.18
C TYR B 68 9.82 -9.56 8.02
N ALA B 69 9.79 -10.28 9.13
CA ALA B 69 9.74 -11.75 9.07
C ALA B 69 8.31 -12.25 8.79
N PHE B 70 8.07 -12.81 7.61
CA PHE B 70 6.72 -13.23 7.20
C PHE B 70 6.50 -14.74 7.31
N PHE B 89 14.28 -15.12 17.58
CA PHE B 89 14.42 -13.71 17.95
C PHE B 89 14.76 -13.57 19.43
N VAL B 90 14.27 -14.54 20.21
CA VAL B 90 14.50 -14.60 21.64
C VAL B 90 15.98 -14.42 21.99
N TRP B 91 16.85 -15.13 21.27
CA TRP B 91 18.28 -15.08 21.50
C TRP B 91 19.00 -14.36 20.37
N ALA B 92 18.31 -14.23 19.24
CA ALA B 92 18.86 -13.58 18.05
C ALA B 92 19.32 -12.19 18.42
N LEU B 93 18.51 -11.55 19.26
CA LEU B 93 18.80 -10.25 19.82
C LEU B 93 20.11 -10.23 20.61
N ASP B 94 20.06 -10.84 21.79
CA ASP B 94 21.15 -10.81 22.75
C ASP B 94 22.54 -11.19 22.22
N SER B 95 22.60 -12.03 21.19
CA SER B 95 23.88 -12.45 20.65
C SER B 95 24.45 -11.45 19.63
N GLU B 96 23.57 -10.86 18.82
CA GLU B 96 23.97 -10.03 17.70
C GLU B 96 24.10 -8.54 17.99
N VAL B 97 23.66 -8.09 19.17
CA VAL B 97 23.54 -6.67 19.43
C VAL B 97 24.89 -5.96 19.57
N LYS B 98 25.82 -6.57 20.30
CA LYS B 98 27.11 -5.92 20.52
C LYS B 98 27.84 -5.69 19.19
N SER B 99 27.82 -6.69 18.32
CA SER B 99 28.38 -6.54 16.98
C SER B 99 27.73 -5.39 16.21
N LEU B 100 26.41 -5.29 16.25
CA LEU B 100 25.71 -4.22 15.53
C LEU B 100 26.12 -2.87 16.06
N HIS B 101 26.24 -2.79 17.38
CA HIS B 101 26.64 -1.58 18.08
C HIS B 101 28.03 -1.14 17.64
N ARG B 102 28.96 -2.09 17.64
CA ARG B 102 30.31 -1.81 17.21
C ARG B 102 30.34 -1.39 15.76
N HIS B 103 29.37 -1.84 14.98
CA HIS B 103 29.26 -1.42 13.59
C HIS B 103 28.47 -0.12 13.46
N ASN B 104 28.23 0.53 14.60
CA ASN B 104 27.53 1.81 14.61
C ASN B 104 26.12 1.71 14.01
N VAL B 105 25.51 0.54 14.16
CA VAL B 105 24.14 0.34 13.71
C VAL B 105 23.15 0.75 14.82
N ARG B 106 22.17 1.56 14.46
CA ARG B 106 21.06 1.87 15.37
C ARG B 106 19.94 0.84 15.22
N LEU B 107 19.67 0.10 16.30
CA LEU B 107 18.65 -0.95 16.26
C LEU B 107 17.31 -0.47 16.81
N ARG B 108 16.24 -0.78 16.10
CA ARG B 108 14.88 -0.45 16.58
C ARG B 108 13.90 -1.56 16.28
N ILE B 109 12.99 -1.83 17.21
CA ILE B 109 11.95 -2.82 16.94
C ILE B 109 10.66 -2.05 16.66
N ILE B 110 9.95 -2.34 15.57
CA ILE B 110 8.65 -1.72 15.36
C ILE B 110 7.56 -2.77 15.41
N GLY B 111 6.41 -2.44 15.98
CA GLY B 111 5.36 -3.41 16.14
C GLY B 111 4.89 -3.47 17.59
N ASP B 112 3.93 -4.35 17.86
CA ASP B 112 3.29 -4.42 19.17
C ASP B 112 4.03 -5.37 20.09
N THR B 113 4.97 -4.83 20.85
CA THR B 113 5.77 -5.64 21.75
C THR B 113 5.14 -5.69 23.13
N SER B 114 4.01 -5.02 23.28
CA SER B 114 3.37 -4.83 24.57
C SER B 114 2.96 -6.13 25.23
N ARG B 115 2.73 -7.17 24.44
CA ARG B 115 2.28 -8.43 25.01
C ARG B 115 3.38 -9.48 25.05
N PHE B 116 4.58 -9.10 24.64
CA PHE B 116 5.75 -9.93 24.83
C PHE B 116 6.04 -10.03 26.31
N ASN B 117 6.71 -11.11 26.76
CA ASN B 117 7.01 -11.24 28.18
C ASN B 117 7.89 -10.08 28.62
N SER B 118 7.90 -9.76 29.92
CA SER B 118 8.50 -8.52 30.38
C SER B 118 10.02 -8.56 30.32
N ARG B 119 10.56 -9.77 30.37
CA ARG B 119 11.99 -9.96 30.21
C ARG B 119 12.42 -9.63 28.78
N LEU B 120 11.72 -10.19 27.80
CA LEU B 120 12.08 -9.96 26.40
C LEU B 120 11.86 -8.49 26.02
N GLN B 121 10.82 -7.88 26.59
CA GLN B 121 10.54 -6.46 26.37
C GLN B 121 11.69 -5.60 26.92
N GLU B 122 12.23 -6.01 28.05
CA GLU B 122 13.34 -5.32 28.69
C GLU B 122 14.65 -5.48 27.89
N ARG B 123 14.83 -6.63 27.26
CA ARG B 123 16.05 -6.83 26.45
C ARG B 123 15.99 -6.03 25.16
N ILE B 124 14.82 -6.03 24.52
CA ILE B 124 14.56 -5.13 23.41
C ILE B 124 14.86 -3.68 23.81
N ARG B 125 14.30 -3.26 24.94
CA ARG B 125 14.53 -1.92 25.48
C ARG B 125 16.01 -1.60 25.65
N LYS B 126 16.77 -2.53 26.24
CA LYS B 126 18.19 -2.32 26.46
C LYS B 126 18.97 -2.22 25.14
N SER B 127 18.59 -3.06 24.19
CA SER B 127 19.30 -3.10 22.91
C SER B 127 19.08 -1.81 22.13
N GLU B 128 17.87 -1.28 22.27
CA GLU B 128 17.49 -0.01 21.68
C GLU B 128 18.27 1.14 22.31
N ALA B 129 18.29 1.20 23.65
CA ALA B 129 18.96 2.32 24.31
C ALA B 129 20.47 2.28 24.08
N LEU B 130 21.04 1.08 24.06
CA LEU B 130 22.47 0.92 23.80
C LEU B 130 22.89 1.57 22.48
N THR B 131 22.08 1.36 21.45
CA THR B 131 22.45 1.77 20.09
C THR B 131 21.76 3.05 19.63
N ALA B 132 20.87 3.60 20.45
CA ALA B 132 20.03 4.75 20.01
C ALA B 132 20.84 5.94 19.48
N GLY B 133 22.04 6.14 20.01
CA GLY B 133 22.87 7.27 19.62
C GLY B 133 23.73 7.00 18.40
N ASN B 134 23.60 5.82 17.80
CA ASN B 134 24.47 5.46 16.68
C ASN B 134 24.02 6.15 15.39
N THR B 135 24.98 6.47 14.52
CA THR B 135 24.68 7.32 13.37
C THR B 135 24.80 6.61 12.02
N GLY B 136 25.12 5.32 12.05
CA GLY B 136 25.22 4.55 10.83
C GLY B 136 23.86 4.08 10.37
N LEU B 137 23.80 2.84 9.90
CA LEU B 137 22.55 2.24 9.43
C LEU B 137 21.56 2.12 10.56
N THR B 138 20.32 2.53 10.30
CA THR B 138 19.25 2.25 11.27
C THR B 138 18.58 0.98 10.79
N LEU B 139 18.57 -0.02 11.65
CA LEU B 139 17.99 -1.31 11.33
C LEU B 139 16.68 -1.48 12.11
N ASN B 140 15.55 -1.45 11.42
CA ASN B 140 14.26 -1.65 12.03
C ASN B 140 13.80 -3.06 11.81
N ILE B 141 13.51 -3.77 12.89
CA ILE B 141 12.97 -5.13 12.78
C ILE B 141 11.51 -5.08 13.18
N ALA B 142 10.64 -5.48 12.27
CA ALA B 142 9.22 -5.55 12.55
C ALA B 142 8.89 -6.80 13.30
N ALA B 143 8.30 -6.64 14.48
CA ALA B 143 7.95 -7.78 15.31
C ALA B 143 6.53 -7.60 15.80
N ASN B 144 5.65 -8.55 15.44
CA ASN B 144 4.24 -8.44 15.73
C ASN B 144 3.77 -7.08 15.20
N TYR B 145 4.16 -6.79 13.97
CA TYR B 145 3.88 -5.53 13.32
C TYR B 145 2.81 -5.73 12.24
N GLY B 146 1.97 -4.72 12.05
CA GLY B 146 1.04 -4.70 10.93
C GLY B 146 0.90 -3.26 10.49
N GLY B 147 0.75 -3.03 9.19
CA GLY B 147 0.60 -1.67 8.70
C GLY B 147 -0.65 -0.96 9.18
N ARG B 148 -1.76 -1.69 9.28
CA ARG B 148 -2.99 -1.09 9.79
C ARG B 148 -2.87 -0.80 11.28
N TRP B 149 -2.25 -1.71 12.01
CA TRP B 149 -2.03 -1.52 13.44
C TRP B 149 -1.21 -0.26 13.69
N ASP B 150 -0.15 -0.12 12.90
CA ASP B 150 0.73 1.04 12.95
C ASP B 150 -0.09 2.36 12.87
N ILE B 151 -0.90 2.50 11.83
CA ILE B 151 -1.78 3.66 11.66
C ILE B 151 -2.69 3.85 12.87
N VAL B 152 -3.29 2.75 13.33
CA VAL B 152 -4.27 2.82 14.41
C VAL B 152 -3.64 3.33 15.72
N GLN B 153 -2.36 3.03 15.92
CA GLN B 153 -1.68 3.50 17.11
CA GLN B 153 -1.60 3.51 17.06
C GLN B 153 -1.54 5.02 17.05
N GLY B 154 -1.16 5.57 15.90
CA GLY B 154 -1.10 7.01 15.72
C GLY B 154 -2.48 7.66 15.90
N VAL B 155 -3.51 7.00 15.39
CA VAL B 155 -4.87 7.52 15.50
C VAL B 155 -5.31 7.59 16.95
N ARG B 156 -5.01 6.55 17.72
CA ARG B 156 -5.39 6.52 19.12
C ARG B 156 -4.70 7.64 19.88
N GLN B 157 -3.44 7.92 19.53
CA GLN B 157 -2.69 9.01 20.15
C GLN B 157 -3.35 10.35 19.88
N LEU B 158 -3.78 10.56 18.63
CA LEU B 158 -4.40 11.82 18.28
C LEU B 158 -5.75 11.94 18.97
N ALA B 159 -6.45 10.80 19.06
CA ALA B 159 -7.76 10.76 19.69
C ALA B 159 -7.62 11.15 21.15
N GLU B 160 -6.57 10.67 21.79
CA GLU B 160 -6.32 11.02 23.17
C GLU B 160 -6.11 12.53 23.30
N LYS B 161 -5.37 13.12 22.37
CA LYS B 161 -5.16 14.56 22.39
C LYS B 161 -6.47 15.31 22.20
N VAL B 162 -7.31 14.84 21.28
CA VAL B 162 -8.61 15.47 21.06
C VAL B 162 -9.48 15.41 22.32
N GLN B 163 -9.48 14.24 22.97
CA GLN B 163 -10.31 14.03 24.13
C GLN B 163 -9.99 15.01 25.25
N GLN B 164 -8.73 15.38 25.37
CA GLN B 164 -8.36 16.29 26.43
C GLN B 164 -8.22 17.70 25.91
N GLY B 165 -8.96 18.00 24.84
CA GLY B 165 -9.12 19.36 24.36
C GLY B 165 -7.88 20.02 23.75
N ASN B 166 -6.82 19.24 23.57
CA ASN B 166 -5.58 19.81 23.07
C ASN B 166 -5.49 19.79 21.54
N LEU B 167 -6.56 19.37 20.89
CA LEU B 167 -6.54 19.18 19.44
C LEU B 167 -7.94 19.15 18.83
N GLN B 168 -8.15 19.96 17.81
CA GLN B 168 -9.42 19.99 17.11
C GLN B 168 -9.41 18.96 15.99
N PRO B 169 -10.55 18.28 15.77
CA PRO B 169 -10.66 17.33 14.66
C PRO B 169 -10.23 17.92 13.33
N ASP B 170 -10.74 19.09 12.94
CA ASP B 170 -10.42 19.63 11.63
C ASP B 170 -8.93 20.02 11.49
N GLN B 171 -8.18 20.05 12.60
CA GLN B 171 -6.76 20.36 12.57
C GLN B 171 -5.90 19.16 12.16
N ILE B 172 -6.50 17.98 12.15
CA ILE B 172 -5.77 16.74 11.87
C ILE B 172 -5.55 16.60 10.37
N ASP B 173 -4.30 16.49 9.94
CA ASP B 173 -4.01 16.32 8.52
C ASP B 173 -2.92 15.26 8.30
N GLU B 174 -2.53 15.03 7.04
CA GLU B 174 -1.54 14.00 6.72
C GLU B 174 -0.24 14.18 7.47
N GLU B 175 0.28 15.40 7.44
CA GLU B 175 1.51 15.75 8.17
C GLU B 175 1.43 15.31 9.64
N MET B 176 0.35 15.66 10.31
CA MET B 176 0.18 15.31 11.72
C MET B 176 0.14 13.79 11.92
N LEU B 177 -0.70 13.09 11.16
CA LEU B 177 -0.78 11.64 11.31
C LEU B 177 0.56 11.00 10.94
N ASN B 178 1.23 11.58 9.95
CA ASN B 178 2.55 11.07 9.57
C ASN B 178 3.49 11.13 10.75
N GLN B 179 3.37 12.19 11.54
CA GLN B 179 4.18 12.29 12.72
C GLN B 179 3.89 11.27 13.82
N HIS B 180 2.88 10.41 13.73
CA HIS B 180 2.89 9.41 14.82
C HIS B 180 2.64 8.02 14.24
N VAL B 181 3.12 7.82 13.01
CA VAL B 181 3.23 6.46 12.52
C VAL B 181 4.71 6.11 12.62
N CYS B 182 5.01 4.82 12.75
CA CYS B 182 6.40 4.37 12.88
C CYS B 182 7.33 4.93 11.81
N MET B 183 8.55 5.27 12.26
CA MET B 183 9.70 5.61 11.40
C MET B 183 9.60 7.00 10.80
N HIS B 184 8.75 7.86 11.38
CA HIS B 184 8.52 9.18 10.79
C HIS B 184 9.77 10.07 10.88
N GLU B 185 10.70 9.70 11.75
CA GLU B 185 11.94 10.45 11.87
C GLU B 185 13.01 10.02 10.86
N LEU B 186 12.80 8.91 10.14
CA LEU B 186 13.77 8.43 9.15
C LEU B 186 13.41 8.90 7.73
N ALA B 187 14.35 8.76 6.79
CA ALA B 187 14.05 8.97 5.39
C ALA B 187 12.82 8.16 4.97
N PRO B 188 12.05 8.66 4.00
CA PRO B 188 10.90 7.89 3.52
C PRO B 188 11.32 6.56 2.89
N VAL B 189 10.49 5.54 3.03
CA VAL B 189 10.76 4.26 2.35
C VAL B 189 10.76 4.50 0.85
N ASP B 190 11.91 4.20 0.24
CA ASP B 190 12.13 4.36 -1.19
C ASP B 190 11.83 3.09 -1.98
N LEU B 191 12.07 1.94 -1.36
CA LEU B 191 12.09 0.66 -2.07
C LEU B 191 11.55 -0.41 -1.15
N VAL B 192 10.53 -1.14 -1.60
CA VAL B 192 10.10 -2.36 -0.90
C VAL B 192 10.51 -3.55 -1.74
N ILE B 193 11.18 -4.51 -1.10
CA ILE B 193 11.56 -5.74 -1.76
C ILE B 193 10.76 -6.87 -1.13
N ARG B 194 10.11 -7.70 -1.95
CA ARG B 194 9.50 -8.90 -1.39
C ARG B 194 10.06 -10.11 -2.09
N THR B 195 10.69 -10.99 -1.33
CA THR B 195 11.25 -12.22 -1.88
C THR B 195 10.20 -13.31 -1.77
N GLY B 196 10.43 -14.42 -2.47
CA GLY B 196 9.58 -15.57 -2.28
C GLY B 196 8.40 -15.71 -3.22
N GLY B 197 8.22 -14.77 -4.15
CA GLY B 197 7.24 -14.97 -5.22
C GLY B 197 5.85 -14.34 -5.08
N GLU B 198 5.42 -14.03 -3.87
CA GLU B 198 4.10 -13.38 -3.73
C GLU B 198 4.16 -11.90 -4.10
N HIS B 199 3.10 -11.41 -4.74
CA HIS B 199 2.98 -10.01 -5.12
C HIS B 199 1.99 -9.27 -4.24
N ARG B 200 2.31 -9.16 -2.96
CA ARG B 200 1.44 -8.55 -1.95
C ARG B 200 2.24 -7.84 -0.88
N ILE B 201 1.62 -6.84 -0.26
CA ILE B 201 2.20 -6.15 0.88
C ILE B 201 1.89 -6.90 2.18
N SER B 202 0.77 -7.62 2.19
CA SER B 202 0.40 -8.43 3.34
C SER B 202 0.43 -7.63 4.64
N ASN B 203 -0.15 -6.43 4.64
CA ASN B 203 -0.29 -5.62 5.86
C ASN B 203 1.06 -5.35 6.55
N PHE B 204 2.12 -5.29 5.74
CA PHE B 204 3.39 -4.68 6.12
C PHE B 204 3.18 -3.15 6.14
N LEU B 205 4.23 -2.37 5.89
CA LEU B 205 4.10 -0.91 5.86
C LEU B 205 3.03 -0.51 4.87
N LEU B 206 2.16 0.43 5.24
CA LEU B 206 1.10 0.87 4.32
C LEU B 206 1.18 2.36 4.12
N TRP B 207 1.07 3.10 5.21
CA TRP B 207 1.17 4.54 5.16
C TRP B 207 2.48 4.96 4.51
N GLN B 208 3.54 4.28 4.89
CA GLN B 208 4.90 4.62 4.50
C GLN B 208 5.29 4.32 3.04
N ILE B 209 4.56 3.44 2.37
CA ILE B 209 4.97 3.02 1.04
C ILE B 209 4.19 3.69 -0.07
N ALA B 210 3.54 4.81 0.25
CA ALA B 210 2.72 5.53 -0.72
C ALA B 210 3.47 5.83 -2.02
N TYR B 211 4.76 6.14 -1.93
CA TYR B 211 5.53 6.48 -3.13
C TYR B 211 6.76 5.61 -3.30
N ALA B 212 6.76 4.46 -2.65
CA ALA B 212 7.89 3.54 -2.70
C ALA B 212 7.90 2.70 -3.98
N GLU B 213 9.10 2.45 -4.50
CA GLU B 213 9.28 1.50 -5.58
C GLU B 213 8.97 0.12 -5.01
N LEU B 214 8.22 -0.69 -5.75
CA LEU B 214 7.84 -2.01 -5.26
C LEU B 214 8.51 -3.05 -6.12
N TYR B 215 9.32 -3.89 -5.51
CA TYR B 215 10.12 -4.84 -6.25
C TYR B 215 9.88 -6.26 -5.75
N PHE B 216 9.38 -7.10 -6.64
CA PHE B 216 9.05 -8.47 -6.31
C PHE B 216 10.01 -9.39 -7.01
N THR B 217 10.55 -10.37 -6.30
CA THR B 217 11.41 -11.37 -6.92
C THR B 217 11.05 -12.75 -6.42
N ASP B 218 11.18 -13.75 -7.29
CA ASP B 218 10.81 -15.12 -6.96
C ASP B 218 11.88 -15.78 -6.10
N VAL B 219 13.04 -15.13 -5.99
CA VAL B 219 14.15 -15.67 -5.21
C VAL B 219 13.68 -15.85 -3.77
N LEU B 220 14.02 -17.00 -3.17
CA LEU B 220 13.61 -17.29 -1.79
C LEU B 220 14.58 -16.58 -0.84
N TRP B 221 14.08 -16.11 0.29
CA TRP B 221 14.90 -15.27 1.17
C TRP B 221 16.28 -15.82 1.51
N PRO B 222 16.38 -17.12 1.82
CA PRO B 222 17.75 -17.56 2.15
C PRO B 222 18.72 -17.52 0.96
N ASP B 223 18.19 -17.47 -0.27
CA ASP B 223 19.01 -17.41 -1.48
C ASP B 223 19.35 -15.96 -1.88
N PHE B 224 18.62 -15.02 -1.31
CA PHE B 224 18.74 -13.61 -1.66
C PHE B 224 20.09 -13.05 -1.26
N ASP B 225 20.93 -12.67 -2.23
CA ASP B 225 22.29 -12.22 -1.91
C ASP B 225 22.59 -10.79 -2.37
N GLU B 226 23.87 -10.43 -2.41
CA GLU B 226 24.26 -9.06 -2.78
C GLU B 226 23.86 -8.72 -4.21
N GLN B 227 23.98 -9.69 -5.10
CA GLN B 227 23.55 -9.52 -6.48
C GLN B 227 22.05 -9.25 -6.58
N ASP B 228 21.23 -10.00 -5.83
CA ASP B 228 19.79 -9.78 -5.84
C ASP B 228 19.45 -8.40 -5.28
N PHE B 229 20.16 -8.00 -4.23
CA PHE B 229 19.90 -6.73 -3.57
C PHE B 229 20.21 -5.60 -4.53
N GLU B 230 21.38 -5.67 -5.17
CA GLU B 230 21.74 -4.69 -6.18
C GLU B 230 20.76 -4.65 -7.37
N GLY B 231 20.32 -5.81 -7.82
CA GLY B 231 19.27 -5.85 -8.85
C GLY B 231 18.06 -5.01 -8.48
N ALA B 232 17.67 -5.08 -7.20
CA ALA B 232 16.51 -4.34 -6.73
C ALA B 232 16.83 -2.86 -6.73
N LEU B 233 18.00 -2.54 -6.19
CA LEU B 233 18.50 -1.16 -6.21
C LEU B 233 18.52 -0.54 -7.61
N ASN B 234 18.97 -1.27 -8.63
CA ASN B 234 18.93 -0.71 -9.98
C ASN B 234 17.53 -0.44 -10.51
N ALA B 235 16.61 -1.35 -10.23
CA ALA B 235 15.22 -1.14 -10.57
C ALA B 235 14.75 0.21 -10.05
N PHE B 236 15.06 0.52 -8.77
CA PHE B 236 14.78 1.84 -8.23
C PHE B 236 15.43 2.91 -9.09
N ALA B 237 16.73 2.75 -9.34
CA ALA B 237 17.51 3.71 -10.13
C ALA B 237 16.90 3.99 -11.51
N ASN B 238 16.48 2.92 -12.18
CA ASN B 238 15.94 3.03 -13.54
C ASN B 238 14.49 3.46 -13.59
N ARG B 239 13.88 3.71 -12.43
CA ARG B 239 12.55 4.28 -12.41
C ARG B 239 12.67 5.76 -12.72
N GLU B 240 13.64 6.38 -12.06
CA GLU B 240 13.85 7.82 -12.11
C GLU B 240 14.48 8.25 -13.43
#